data_1QQG
#
_entry.id   1QQG
#
_cell.length_a   120.439
_cell.length_b   120.439
_cell.length_c   79.598
_cell.angle_alpha   90
_cell.angle_beta   90
_cell.angle_gamma   120
#
_symmetry.space_group_name_H-M   'P 65'
#
loop_
_entity.id
_entity.type
_entity.pdbx_description
1 polymer 'INSULIN RECEPTOR SUBSTRATE 1'
2 water water
#
_entity_poly.entity_id   1
_entity_poly.type   'polypeptide(L)'
_entity_poly.pdbx_seq_one_letter_code
;PPESDGFSDVRKVGYLRKPKSMHKRFFVLRAASEAGGPARLEYYENEKKWRHKSSAPKRSIPLESCFNINKRADSKNKHL
VALYTRDEHFAIAADSEAEQDSWYQALLQLHNRAKGHHDGAAALGAGGGGGSCSGSSGLGEAGEDLSYGDVPPGPAFKEV
WQVILKPKGLGQTKNLIGIYRLCLTSKTISFVKLNSEAAAVVLQLMNIRRCGHSENFFFIEVGRSAVTGPGEFWMQVDDS
VVAQNMHETILEAMRAMSDEFRPR
;
_entity_poly.pdbx_strand_id   A,B
#
# COMPACT_ATOMS: atom_id res chain seq x y z
N ASP A 9 -11.91 -43.89 20.49
CA ASP A 9 -11.10 -43.09 19.51
C ASP A 9 -11.79 -41.78 19.09
N VAL A 10 -13.05 -41.62 19.50
CA VAL A 10 -13.85 -40.45 19.15
C VAL A 10 -13.46 -39.24 20.00
N ARG A 11 -12.95 -38.21 19.34
CA ARG A 11 -12.54 -37.00 20.03
C ARG A 11 -13.58 -35.89 20.04
N LYS A 12 -14.36 -35.78 18.96
CA LYS A 12 -15.39 -34.73 18.87
C LYS A 12 -16.55 -35.17 17.96
N VAL A 13 -17.76 -34.69 18.26
CA VAL A 13 -18.92 -35.08 17.47
C VAL A 13 -20.00 -33.98 17.39
N GLY A 14 -20.78 -33.99 16.30
CA GLY A 14 -21.86 -33.04 16.16
C GLY A 14 -22.30 -32.72 14.74
N TYR A 15 -23.47 -32.11 14.61
CA TYR A 15 -24.00 -31.71 13.31
C TYR A 15 -23.37 -30.40 12.84
N LEU A 16 -22.96 -30.39 11.57
CA LEU A 16 -22.39 -29.22 10.92
C LEU A 16 -23.06 -29.21 9.57
N ARG A 17 -22.93 -28.13 8.83
CA ARG A 17 -23.54 -28.07 7.51
C ARG A 17 -22.49 -28.09 6.42
N LYS A 18 -22.81 -28.74 5.31
CA LYS A 18 -21.92 -28.78 4.17
C LYS A 18 -22.15 -27.41 3.56
N PRO A 19 -21.11 -26.55 3.50
CA PRO A 19 -21.22 -25.20 2.96
C PRO A 19 -21.92 -25.04 1.61
N LYS A 20 -21.68 -25.97 0.68
CA LYS A 20 -22.27 -25.91 -0.65
C LYS A 20 -23.77 -26.17 -0.72
N SER A 21 -24.19 -27.35 -0.27
CA SER A 21 -25.61 -27.73 -0.30
C SER A 21 -26.34 -27.31 0.97
N MET A 22 -25.58 -26.86 1.95
CA MET A 22 -26.08 -26.45 3.25
C MET A 22 -26.84 -27.57 3.97
N HIS A 23 -26.51 -28.82 3.61
CA HIS A 23 -27.12 -30.00 4.21
C HIS A 23 -26.53 -30.23 5.60
N LYS A 24 -27.34 -30.71 6.52
CA LYS A 24 -26.90 -30.98 7.87
C LYS A 24 -26.32 -32.41 7.94
N ARG A 25 -25.03 -32.51 8.18
CA ARG A 25 -24.38 -33.81 8.25
C ARG A 25 -23.72 -34.00 9.60
N PHE A 26 -23.74 -35.23 10.11
CA PHE A 26 -23.16 -35.56 11.41
C PHE A 26 -21.67 -35.85 11.33
N PHE A 27 -20.85 -34.92 11.85
CA PHE A 27 -19.41 -35.07 11.82
C PHE A 27 -18.82 -35.78 13.03
N VAL A 28 -17.76 -36.55 12.79
CA VAL A 28 -17.09 -37.32 13.83
C VAL A 28 -15.58 -37.18 13.68
N LEU A 29 -14.92 -36.68 14.73
CA LEU A 29 -13.48 -36.52 14.71
C LEU A 29 -12.94 -37.72 15.44
N ARG A 30 -11.92 -38.36 14.87
CA ARG A 30 -11.32 -39.55 15.48
C ARG A 30 -9.81 -39.46 15.62
N ALA A 31 -9.32 -39.85 16.79
CA ALA A 31 -7.89 -39.89 17.09
C ALA A 31 -7.34 -41.15 16.45
N ALA A 32 -6.03 -41.18 16.20
CA ALA A 32 -5.42 -42.36 15.60
C ALA A 32 -5.41 -43.53 16.56
N SER A 33 -5.68 -44.72 16.03
CA SER A 33 -5.68 -45.94 16.82
C SER A 33 -4.98 -47.04 16.02
N GLU A 34 -4.25 -47.90 16.70
CA GLU A 34 -3.56 -49.00 16.02
C GLU A 34 -4.50 -50.19 15.94
N ALA A 35 -5.68 -49.96 15.38
CA ALA A 35 -6.72 -50.97 15.23
C ALA A 35 -7.83 -50.43 14.34
N GLY A 36 -8.40 -49.30 14.76
CA GLY A 36 -9.49 -48.67 14.04
C GLY A 36 -9.09 -47.80 12.86
N GLY A 37 -7.82 -47.42 12.78
CA GLY A 37 -7.38 -46.59 11.67
C GLY A 37 -6.70 -45.30 12.13
N PRO A 38 -6.26 -44.45 11.18
CA PRO A 38 -5.58 -43.17 11.44
C PRO A 38 -6.49 -42.01 11.89
N ALA A 39 -5.89 -40.91 12.36
CA ALA A 39 -6.66 -39.74 12.80
C ALA A 39 -7.43 -39.24 11.58
N ARG A 40 -8.73 -39.05 11.72
CA ARG A 40 -9.50 -38.64 10.57
C ARG A 40 -10.81 -37.91 10.88
N LEU A 41 -11.23 -37.09 9.93
CA LEU A 41 -12.49 -36.39 10.04
C LEU A 41 -13.38 -37.16 9.08
N GLU A 42 -14.57 -37.51 9.57
CA GLU A 42 -15.56 -38.25 8.79
C GLU A 42 -16.91 -37.66 9.12
N TYR A 43 -17.89 -37.89 8.25
CA TYR A 43 -19.25 -37.43 8.52
C TYR A 43 -20.23 -38.45 7.98
N TYR A 44 -21.41 -38.48 8.59
CA TYR A 44 -22.49 -39.42 8.25
C TYR A 44 -23.74 -38.67 7.80
N GLU A 45 -24.72 -39.41 7.30
CA GLU A 45 -25.98 -38.82 6.84
C GLU A 45 -26.62 -38.17 8.05
N ASN A 46 -26.65 -38.90 9.16
CA ASN A 46 -27.18 -38.42 10.42
C ASN A 46 -26.50 -39.13 11.59
N GLU A 47 -26.92 -38.80 12.80
CA GLU A 47 -26.36 -39.38 14.00
C GLU A 47 -26.72 -40.85 14.17
N LYS A 48 -27.97 -41.21 13.87
CA LYS A 48 -28.45 -42.57 14.00
C LYS A 48 -27.54 -43.59 13.30
N LYS A 49 -27.14 -43.26 12.06
CA LYS A 49 -26.27 -44.13 11.27
C LYS A 49 -24.92 -44.35 11.95
N TRP A 50 -24.42 -43.32 12.63
CA TRP A 50 -23.14 -43.43 13.33
C TRP A 50 -23.28 -44.23 14.66
N ARG A 51 -24.37 -43.98 15.40
CA ARG A 51 -24.63 -44.67 16.66
C ARG A 51 -24.90 -46.15 16.42
N HIS A 52 -25.76 -46.43 15.44
CA HIS A 52 -26.13 -47.78 15.09
C HIS A 52 -25.13 -48.51 14.21
N LYS A 53 -24.00 -47.87 13.90
CA LYS A 53 -22.99 -48.46 13.03
C LYS A 53 -23.65 -49.10 11.79
N SER A 54 -24.68 -48.44 11.26
CA SER A 54 -25.41 -48.97 10.12
C SER A 54 -25.07 -48.35 8.76
N SER A 55 -24.05 -47.51 8.72
CA SER A 55 -23.65 -46.85 7.46
C SER A 55 -22.21 -46.40 7.46
N ALA A 56 -21.60 -46.45 6.28
CA ALA A 56 -20.23 -46.01 6.12
C ALA A 56 -20.28 -44.48 6.05
N PRO A 57 -19.24 -43.81 6.57
CA PRO A 57 -19.25 -42.35 6.51
C PRO A 57 -19.18 -41.89 5.06
N LYS A 58 -19.98 -40.89 4.71
CA LYS A 58 -20.03 -40.34 3.35
C LYS A 58 -18.63 -39.86 2.93
N ARG A 59 -17.87 -39.36 3.90
CA ARG A 59 -16.52 -38.91 3.69
C ARG A 59 -15.63 -39.30 4.84
N SER A 60 -14.37 -39.58 4.53
CA SER A 60 -13.40 -39.97 5.52
C SER A 60 -12.07 -39.34 5.10
N ILE A 61 -11.75 -38.18 5.68
CA ILE A 61 -10.52 -37.45 5.37
C ILE A 61 -9.45 -37.60 6.46
N PRO A 62 -8.31 -38.24 6.13
CA PRO A 62 -7.21 -38.46 7.08
C PRO A 62 -6.47 -37.15 7.39
N LEU A 63 -6.27 -36.84 8.66
CA LEU A 63 -5.62 -35.59 9.04
C LEU A 63 -4.20 -35.42 8.51
N GLU A 64 -3.43 -36.50 8.48
CA GLU A 64 -2.05 -36.47 8.00
C GLU A 64 -1.95 -36.01 6.55
N SER A 65 -3.08 -35.95 5.85
CA SER A 65 -3.09 -35.52 4.45
C SER A 65 -3.46 -34.04 4.30
N CYS A 66 -3.80 -33.39 5.41
CA CYS A 66 -4.14 -31.97 5.43
C CYS A 66 -2.87 -31.21 5.75
N PHE A 67 -2.39 -30.37 4.83
CA PHE A 67 -1.19 -29.59 5.11
C PHE A 67 -1.51 -28.26 5.78
N ASN A 68 -2.79 -27.88 5.79
CA ASN A 68 -3.21 -26.64 6.40
C ASN A 68 -4.69 -26.68 6.75
N ILE A 69 -5.03 -25.99 7.84
CA ILE A 69 -6.37 -25.92 8.36
C ILE A 69 -6.60 -24.44 8.68
N ASN A 70 -7.71 -23.87 8.19
CA ASN A 70 -8.00 -22.46 8.41
C ASN A 70 -9.46 -22.11 8.70
N LYS A 71 -9.65 -21.04 9.47
CA LYS A 71 -11.00 -20.54 9.76
C LYS A 71 -11.26 -19.62 8.57
N ARG A 72 -12.41 -19.75 7.94
CA ARG A 72 -12.73 -18.92 6.79
C ARG A 72 -14.14 -18.36 6.92
N ALA A 73 -14.57 -17.59 5.92
CA ALA A 73 -15.90 -16.98 5.89
C ALA A 73 -16.17 -16.30 4.56
N ASP A 74 -17.33 -16.57 3.97
CA ASP A 74 -17.71 -15.91 2.72
C ASP A 74 -19.08 -15.24 2.85
N SER A 75 -19.70 -14.89 1.72
CA SER A 75 -20.99 -14.22 1.75
C SER A 75 -22.17 -15.10 2.17
N LYS A 76 -22.01 -16.42 2.04
CA LYS A 76 -23.06 -17.38 2.39
C LYS A 76 -22.90 -18.02 3.78
N ASN A 77 -21.67 -18.29 4.20
CA ASN A 77 -21.42 -18.89 5.50
C ASN A 77 -20.39 -18.05 6.23
N LYS A 78 -20.71 -17.68 7.47
CA LYS A 78 -19.82 -16.85 8.27
C LYS A 78 -18.84 -17.58 9.20
N HIS A 79 -19.03 -18.87 9.41
CA HIS A 79 -18.18 -19.62 10.32
C HIS A 79 -17.68 -20.93 9.76
N LEU A 80 -16.82 -20.83 8.76
CA LEU A 80 -16.26 -22.00 8.09
C LEU A 80 -14.93 -22.47 8.67
N VAL A 81 -14.69 -23.78 8.58
CA VAL A 81 -13.41 -24.36 9.00
C VAL A 81 -12.99 -25.12 7.75
N ALA A 82 -11.87 -24.73 7.17
CA ALA A 82 -11.41 -25.36 5.94
C ALA A 82 -10.17 -26.22 6.08
N LEU A 83 -10.22 -27.37 5.42
CA LEU A 83 -9.11 -28.31 5.42
C LEU A 83 -8.55 -28.25 4.02
N TYR A 84 -7.24 -28.22 3.93
CA TYR A 84 -6.59 -28.17 2.63
C TYR A 84 -5.67 -29.37 2.55
N THR A 85 -6.00 -30.27 1.63
CA THR A 85 -5.18 -31.45 1.42
C THR A 85 -4.49 -31.19 0.10
N ARG A 86 -3.66 -32.13 -0.33
CA ARG A 86 -2.97 -32.00 -1.60
C ARG A 86 -3.96 -31.94 -2.77
N ASP A 87 -5.03 -32.72 -2.69
CA ASP A 87 -6.00 -32.82 -3.78
C ASP A 87 -7.27 -32.03 -3.70
N GLU A 88 -7.64 -31.58 -2.51
CA GLU A 88 -8.86 -30.81 -2.36
C GLU A 88 -8.88 -29.84 -1.19
N HIS A 89 -10.00 -29.10 -1.12
CA HIS A 89 -10.27 -28.13 -0.08
C HIS A 89 -11.62 -28.56 0.48
N PHE A 90 -11.65 -29.01 1.73
CA PHE A 90 -12.89 -29.46 2.35
C PHE A 90 -13.34 -28.51 3.48
N ALA A 91 -14.48 -27.84 3.27
CA ALA A 91 -14.96 -26.91 4.28
C ALA A 91 -16.23 -27.36 4.97
N ILE A 92 -16.32 -27.04 6.26
CA ILE A 92 -17.48 -27.37 7.09
C ILE A 92 -18.00 -26.04 7.65
N ALA A 93 -19.30 -25.84 7.62
CA ALA A 93 -19.92 -24.61 8.11
C ALA A 93 -20.50 -24.75 9.52
N ALA A 94 -19.95 -23.99 10.47
CA ALA A 94 -20.46 -24.01 11.85
C ALA A 94 -21.54 -22.95 12.01
N ASP A 95 -22.31 -23.04 13.09
CA ASP A 95 -23.41 -22.11 13.32
C ASP A 95 -23.05 -20.86 14.13
N SER A 96 -21.78 -20.78 14.51
CA SER A 96 -21.28 -19.67 15.31
C SER A 96 -19.76 -19.66 15.29
N GLU A 97 -19.18 -18.55 15.74
CA GLU A 97 -17.74 -18.40 15.79
C GLU A 97 -17.18 -19.30 16.89
N ALA A 98 -18.00 -19.56 17.90
CA ALA A 98 -17.59 -20.40 19.00
C ALA A 98 -17.37 -21.84 18.52
N GLU A 99 -18.39 -22.37 17.84
CA GLU A 99 -18.37 -23.73 17.32
C GLU A 99 -17.30 -23.90 16.26
N GLN A 100 -17.10 -22.87 15.43
CA GLN A 100 -16.09 -22.90 14.40
C GLN A 100 -14.73 -23.02 15.08
N ASP A 101 -14.55 -22.29 16.17
CA ASP A 101 -13.29 -22.31 16.91
C ASP A 101 -13.06 -23.64 17.61
N SER A 102 -14.13 -24.21 18.15
CA SER A 102 -14.07 -25.49 18.84
C SER A 102 -13.58 -26.59 17.90
N TRP A 103 -14.19 -26.66 16.73
CA TRP A 103 -13.81 -27.62 15.70
C TRP A 103 -12.41 -27.33 15.19
N TYR A 104 -12.12 -26.04 14.97
CA TYR A 104 -10.81 -25.62 14.48
C TYR A 104 -9.70 -26.06 15.41
N GLN A 105 -9.92 -25.94 16.71
CA GLN A 105 -8.92 -26.32 17.71
C GLN A 105 -8.80 -27.82 17.86
N ALA A 106 -9.93 -28.53 17.82
CA ALA A 106 -9.92 -30.00 17.91
C ALA A 106 -9.14 -30.57 16.74
N LEU A 107 -9.44 -30.10 15.53
CA LEU A 107 -8.75 -30.55 14.33
C LEU A 107 -7.24 -30.30 14.44
N LEU A 108 -6.86 -29.16 15.03
CA LEU A 108 -5.46 -28.79 15.25
C LEU A 108 -4.81 -29.67 16.31
N GLN A 109 -5.59 -30.04 17.33
CA GLN A 109 -5.10 -30.87 18.41
C GLN A 109 -4.64 -32.22 17.88
N LEU A 110 -5.45 -32.83 17.01
CA LEU A 110 -5.09 -34.12 16.44
C LEU A 110 -4.12 -33.98 15.28
N HIS A 111 -4.06 -32.81 14.69
CA HIS A 111 -3.14 -32.60 13.59
C HIS A 111 -1.74 -32.31 14.16
N ALA A 156 3.07 -24.22 9.16
CA ALA A 156 3.61 -24.17 7.77
C ALA A 156 3.23 -22.85 7.10
N PHE A 157 1.94 -22.62 6.97
CA PHE A 157 1.42 -21.40 6.35
C PHE A 157 0.44 -20.71 7.28
N LYS A 158 0.53 -19.38 7.38
CA LYS A 158 -0.39 -18.65 8.22
C LYS A 158 -1.78 -18.75 7.60
N GLU A 159 -1.82 -18.63 6.27
CA GLU A 159 -3.07 -18.66 5.53
C GLU A 159 -2.97 -19.44 4.23
N VAL A 160 -4.09 -20.02 3.80
CA VAL A 160 -4.13 -20.77 2.53
C VAL A 160 -5.49 -20.56 1.90
N TRP A 161 -5.51 -20.03 0.68
CA TRP A 161 -6.75 -19.83 -0.06
C TRP A 161 -6.60 -20.58 -1.39
N GLN A 162 -7.65 -21.32 -1.77
CA GLN A 162 -7.64 -22.04 -3.02
C GLN A 162 -8.23 -21.05 -4.01
N VAL A 163 -7.56 -20.86 -5.13
CA VAL A 163 -8.05 -19.89 -6.10
C VAL A 163 -8.06 -20.39 -7.53
N ILE A 164 -8.67 -19.59 -8.40
CA ILE A 164 -8.73 -19.92 -9.80
C ILE A 164 -7.80 -18.94 -10.53
N LEU A 165 -6.55 -19.35 -10.71
CA LEU A 165 -5.59 -18.50 -11.41
C LEU A 165 -6.06 -18.25 -12.84
N LYS A 166 -6.42 -17.01 -13.13
CA LYS A 166 -6.89 -16.63 -14.46
C LYS A 166 -5.75 -16.46 -15.45
N PRO A 167 -6.06 -16.55 -16.76
CA PRO A 167 -5.06 -16.40 -17.82
C PRO A 167 -4.71 -14.95 -18.18
N LYS A 168 -4.99 -14.03 -17.26
CA LYS A 168 -4.68 -12.62 -17.46
C LYS A 168 -3.25 -12.39 -16.98
N GLY A 169 -2.57 -11.41 -17.56
CA GLY A 169 -1.21 -11.07 -17.17
C GLY A 169 -0.19 -12.17 -17.03
N LEU A 170 0.42 -12.24 -15.86
CA LEU A 170 1.45 -13.23 -15.54
C LEU A 170 0.89 -14.66 -15.51
N GLY A 171 -0.43 -14.77 -15.62
CA GLY A 171 -1.07 -16.08 -15.63
C GLY A 171 -0.75 -16.79 -16.93
N GLN A 172 -1.00 -16.11 -18.05
CA GLN A 172 -0.72 -16.71 -19.36
C GLN A 172 0.77 -16.82 -19.62
N THR A 173 1.49 -15.72 -19.42
CA THR A 173 2.93 -15.65 -19.65
C THR A 173 3.75 -16.71 -18.91
N LYS A 174 3.36 -17.03 -17.68
CA LYS A 174 4.10 -18.04 -16.91
C LYS A 174 3.32 -19.35 -16.87
N ASN A 175 2.27 -19.43 -17.70
CA ASN A 175 1.38 -20.59 -17.80
C ASN A 175 0.99 -21.15 -16.45
N LEU A 176 0.42 -20.26 -15.64
CA LEU A 176 -0.07 -20.56 -14.32
C LEU A 176 -1.55 -20.20 -14.40
N ILE A 177 -2.34 -21.20 -14.78
CA ILE A 177 -3.78 -21.05 -14.96
C ILE A 177 -4.47 -22.22 -14.27
N GLY A 178 -5.70 -22.01 -13.85
CA GLY A 178 -6.45 -23.05 -13.17
C GLY A 178 -6.35 -23.03 -11.67
N ILE A 179 -6.77 -24.12 -11.05
CA ILE A 179 -6.77 -24.25 -9.59
C ILE A 179 -5.41 -24.31 -8.89
N TYR A 180 -5.15 -23.29 -8.09
CA TYR A 180 -3.90 -23.21 -7.33
C TYR A 180 -4.25 -22.92 -5.88
N ARG A 181 -3.23 -22.96 -5.03
CA ARG A 181 -3.42 -22.65 -3.63
C ARG A 181 -2.48 -21.51 -3.25
N LEU A 182 -3.05 -20.36 -2.89
CA LEU A 182 -2.26 -19.22 -2.46
C LEU A 182 -1.91 -19.45 -0.99
N CYS A 183 -0.62 -19.69 -0.76
CA CYS A 183 -0.11 -19.99 0.57
C CYS A 183 0.71 -18.87 1.18
N LEU A 184 0.15 -18.23 2.20
CA LEU A 184 0.80 -17.12 2.87
C LEU A 184 1.57 -17.41 4.17
N THR A 185 2.83 -16.96 4.20
CA THR A 185 3.69 -17.07 5.38
C THR A 185 3.88 -15.64 5.89
N SER A 186 4.75 -15.43 6.87
CA SER A 186 4.96 -14.06 7.35
C SER A 186 5.86 -13.26 6.41
N LYS A 187 6.59 -13.96 5.54
CA LYS A 187 7.47 -13.29 4.59
C LYS A 187 7.30 -13.65 3.11
N THR A 188 6.45 -14.62 2.78
CA THR A 188 6.24 -15.00 1.38
C THR A 188 4.81 -15.37 1.00
N ILE A 189 4.62 -15.57 -0.31
CA ILE A 189 3.36 -15.99 -0.91
C ILE A 189 3.77 -17.02 -1.95
N SER A 190 3.28 -18.24 -1.78
CA SER A 190 3.62 -19.32 -2.67
C SER A 190 2.41 -19.87 -3.40
N PHE A 191 2.58 -20.18 -4.67
CA PHE A 191 1.49 -20.74 -5.46
C PHE A 191 1.75 -22.23 -5.68
N VAL A 192 0.87 -23.07 -5.14
CA VAL A 192 0.96 -24.52 -5.27
C VAL A 192 -0.24 -25.03 -6.11
N LYS A 193 0.04 -25.56 -7.29
CA LYS A 193 -1.02 -26.08 -8.15
C LYS A 193 -1.74 -27.22 -7.45
N LEU A 194 -3.06 -27.27 -7.59
CA LEU A 194 -3.83 -28.33 -6.96
C LEU A 194 -3.28 -29.70 -7.38
N ASN A 195 -3.27 -30.64 -6.46
CA ASN A 195 -2.77 -32.00 -6.66
C ASN A 195 -1.25 -32.09 -6.60
N SER A 196 -0.59 -30.93 -6.64
CA SER A 196 0.87 -30.90 -6.61
C SER A 196 1.37 -30.80 -5.17
N GLU A 197 2.64 -31.09 -4.97
CA GLU A 197 3.20 -31.02 -3.63
C GLU A 197 4.25 -29.91 -3.50
N ALA A 198 4.74 -29.44 -4.65
CA ALA A 198 5.72 -28.37 -4.68
C ALA A 198 5.10 -27.11 -5.25
N ALA A 199 5.58 -25.95 -4.81
CA ALA A 199 5.08 -24.67 -5.30
C ALA A 199 5.59 -24.32 -6.67
N ALA A 200 4.70 -23.85 -7.53
CA ALA A 200 5.08 -23.44 -8.87
C ALA A 200 6.05 -22.27 -8.67
N VAL A 201 5.58 -21.20 -8.04
CA VAL A 201 6.42 -20.03 -7.80
C VAL A 201 6.37 -19.53 -6.34
N VAL A 202 7.47 -18.94 -5.89
CA VAL A 202 7.56 -18.39 -4.53
C VAL A 202 7.84 -16.88 -4.56
N LEU A 203 6.83 -16.08 -4.26
CA LEU A 203 6.98 -14.64 -4.23
C LEU A 203 7.34 -14.12 -2.83
N GLN A 204 8.36 -13.26 -2.77
CA GLN A 204 8.77 -12.65 -1.49
C GLN A 204 7.80 -11.49 -1.33
N LEU A 205 7.26 -11.29 -0.13
CA LEU A 205 6.32 -10.19 0.10
C LEU A 205 6.87 -8.82 -0.33
N MET A 206 8.16 -8.59 -0.11
CA MET A 206 8.82 -7.35 -0.46
C MET A 206 8.75 -7.03 -1.96
N ASN A 207 8.55 -8.05 -2.77
CA ASN A 207 8.47 -7.90 -4.22
C ASN A 207 7.09 -7.46 -4.72
N ILE A 208 6.06 -7.55 -3.88
CA ILE A 208 4.74 -7.15 -4.32
C ILE A 208 4.59 -5.63 -4.32
N ARG A 209 4.20 -5.05 -5.45
CA ARG A 209 3.99 -3.62 -5.51
C ARG A 209 2.62 -3.29 -4.93
N ARG A 210 1.60 -4.02 -5.34
CA ARG A 210 0.26 -3.78 -4.83
C ARG A 210 -0.67 -4.96 -5.11
N CYS A 211 -1.68 -5.10 -4.25
CA CYS A 211 -2.67 -6.15 -4.41
C CYS A 211 -4.01 -5.47 -4.17
N GLY A 212 -5.06 -6.05 -4.75
CA GLY A 212 -6.38 -5.47 -4.60
C GLY A 212 -7.45 -6.43 -5.05
N HIS A 213 -8.71 -5.99 -4.98
CA HIS A 213 -9.80 -6.83 -5.39
C HIS A 213 -10.86 -6.05 -6.15
N SER A 214 -11.60 -6.76 -6.99
CA SER A 214 -12.68 -6.17 -7.77
C SER A 214 -13.69 -7.30 -7.87
N GLU A 215 -14.87 -7.08 -7.28
CA GLU A 215 -15.92 -8.09 -7.28
C GLU A 215 -15.35 -9.34 -6.60
N ASN A 216 -15.43 -10.49 -7.27
CA ASN A 216 -14.90 -11.72 -6.70
C ASN A 216 -13.53 -12.03 -7.26
N PHE A 217 -12.78 -10.97 -7.60
CA PHE A 217 -11.42 -11.13 -8.14
C PHE A 217 -10.39 -10.54 -7.22
N PHE A 218 -9.18 -11.08 -7.27
CA PHE A 218 -8.08 -10.62 -6.45
C PHE A 218 -6.79 -10.65 -7.27
N PHE A 219 -6.06 -9.53 -7.25
CA PHE A 219 -4.83 -9.48 -8.01
C PHE A 219 -3.61 -9.16 -7.14
N ILE A 220 -2.45 -9.50 -7.67
CA ILE A 220 -1.19 -9.25 -7.03
C ILE A 220 -0.27 -8.81 -8.15
N GLU A 221 0.17 -7.56 -8.08
CA GLU A 221 1.10 -7.01 -9.06
C GLU A 221 2.44 -7.03 -8.37
N VAL A 222 3.38 -7.78 -8.91
CA VAL A 222 4.73 -7.84 -8.34
C VAL A 222 5.68 -6.85 -9.03
N GLY A 223 6.84 -6.60 -8.43
CA GLY A 223 7.78 -5.66 -9.00
C GLY A 223 8.87 -6.32 -9.83
N ARG A 224 9.83 -5.53 -10.29
CA ARG A 224 10.93 -6.04 -11.11
C ARG A 224 11.79 -7.06 -10.38
N SER A 225 11.97 -6.87 -9.08
CA SER A 225 12.78 -7.79 -8.29
C SER A 225 12.15 -9.16 -8.15
N ALA A 226 10.92 -9.31 -8.65
CA ALA A 226 10.22 -10.59 -8.59
C ALA A 226 10.93 -11.64 -9.44
N VAL A 227 10.92 -12.86 -8.92
CA VAL A 227 11.52 -14.02 -9.59
C VAL A 227 10.85 -14.27 -10.95
N THR A 228 9.62 -13.77 -11.09
CA THR A 228 8.86 -13.89 -12.32
C THR A 228 8.94 -12.65 -13.19
N GLY A 229 9.63 -11.61 -12.71
CA GLY A 229 9.71 -10.35 -13.43
C GLY A 229 8.49 -9.53 -13.01
N PRO A 230 8.27 -8.32 -13.57
CA PRO A 230 7.09 -7.57 -13.15
C PRO A 230 5.84 -8.08 -13.85
N GLY A 231 4.68 -7.76 -13.30
CA GLY A 231 3.43 -8.21 -13.89
C GLY A 231 2.44 -8.55 -12.80
N GLU A 232 1.24 -8.96 -13.20
CA GLU A 232 0.20 -9.30 -12.24
C GLU A 232 -0.55 -10.63 -12.40
N PHE A 233 -0.75 -11.29 -11.26
CA PHE A 233 -1.48 -12.54 -11.20
C PHE A 233 -2.94 -12.23 -10.87
N TRP A 234 -3.85 -12.66 -11.73
CA TRP A 234 -5.28 -12.47 -11.47
C TRP A 234 -5.89 -13.78 -11.03
N MET A 235 -6.63 -13.75 -9.94
CA MET A 235 -7.24 -14.97 -9.47
C MET A 235 -8.66 -14.77 -8.97
N GLN A 236 -9.55 -15.67 -9.38
CA GLN A 236 -10.95 -15.62 -9.01
C GLN A 236 -11.22 -16.47 -7.78
N VAL A 237 -12.15 -15.99 -6.95
CA VAL A 237 -12.53 -16.65 -5.71
C VAL A 237 -14.05 -16.78 -5.65
N ASP A 238 -14.56 -17.41 -4.59
CA ASP A 238 -16.00 -17.63 -4.46
C ASP A 238 -16.84 -16.37 -4.55
N ASP A 239 -16.55 -15.40 -3.71
CA ASP A 239 -17.29 -14.15 -3.75
C ASP A 239 -16.41 -12.98 -3.34
N SER A 240 -17.00 -11.79 -3.32
CA SER A 240 -16.30 -10.56 -2.97
C SER A 240 -15.87 -10.54 -1.51
N VAL A 241 -16.60 -11.26 -0.65
CA VAL A 241 -16.25 -11.31 0.77
C VAL A 241 -14.87 -11.96 0.93
N VAL A 242 -14.60 -13.00 0.15
CA VAL A 242 -13.30 -13.66 0.24
C VAL A 242 -12.16 -12.91 -0.45
N ALA A 243 -12.46 -12.21 -1.55
CA ALA A 243 -11.44 -11.42 -2.27
C ALA A 243 -10.98 -10.25 -1.40
N GLN A 244 -11.95 -9.57 -0.79
CA GLN A 244 -11.66 -8.45 0.08
C GLN A 244 -10.79 -8.92 1.24
N ASN A 245 -11.16 -10.04 1.82
CA ASN A 245 -10.44 -10.62 2.94
C ASN A 245 -9.01 -11.01 2.61
N MET A 246 -8.79 -11.53 1.39
CA MET A 246 -7.44 -11.92 0.99
C MET A 246 -6.64 -10.64 0.94
N HIS A 247 -7.23 -9.65 0.26
CA HIS A 247 -6.63 -8.33 0.11
C HIS A 247 -6.15 -7.80 1.47
N GLU A 248 -7.07 -7.68 2.42
CA GLU A 248 -6.76 -7.21 3.78
C GLU A 248 -5.64 -8.01 4.44
N THR A 249 -5.88 -9.31 4.57
CA THR A 249 -4.94 -10.23 5.21
C THR A 249 -3.51 -10.11 4.67
N ILE A 250 -3.41 -10.13 3.36
CA ILE A 250 -2.14 -10.05 2.67
C ILE A 250 -1.53 -8.67 2.80
N LEU A 251 -2.36 -7.64 2.63
CA LEU A 251 -1.89 -6.27 2.72
C LEU A 251 -1.27 -6.05 4.08
N GLU A 252 -1.95 -6.53 5.12
CA GLU A 252 -1.48 -6.43 6.50
C GLU A 252 -0.13 -7.14 6.64
N ALA A 253 0.05 -8.18 5.82
CA ALA A 253 1.26 -8.97 5.80
C ALA A 253 2.39 -8.16 5.19
N MET A 254 2.05 -7.34 4.21
CA MET A 254 3.05 -6.47 3.59
C MET A 254 3.43 -5.35 4.58
N ARG A 255 2.42 -4.71 5.17
CA ARG A 255 2.62 -3.64 6.13
C ARG A 255 3.30 -4.11 7.43
N ALA A 256 2.93 -5.30 7.92
CA ALA A 256 3.53 -5.84 9.15
C ALA A 256 5.02 -6.06 9.01
N MET A 257 5.53 -6.04 7.78
CA MET A 257 6.95 -6.24 7.59
C MET A 257 7.76 -5.05 8.05
N SER A 258 7.15 -3.87 8.06
CA SER A 258 7.86 -2.68 8.51
C SER A 258 7.92 -2.60 10.05
N ASP A 259 7.49 -3.68 10.71
CA ASP A 259 7.52 -3.77 12.17
C ASP A 259 8.70 -4.63 12.64
N SER B 8 22.83 39.36 -21.43
CA SER B 8 23.17 40.48 -20.47
C SER B 8 22.13 40.72 -19.41
N ASP B 9 22.27 39.90 -18.36
CA ASP B 9 21.47 39.90 -17.15
C ASP B 9 20.13 39.19 -17.26
N VAL B 10 19.19 39.78 -17.99
CA VAL B 10 17.87 39.20 -18.11
C VAL B 10 17.79 37.98 -19.02
N ARG B 11 17.51 36.83 -18.40
CA ARG B 11 17.36 35.54 -19.10
C ARG B 11 15.92 35.31 -19.54
N LYS B 12 14.95 35.62 -18.67
CA LYS B 12 13.57 35.35 -19.03
C LYS B 12 12.66 36.42 -18.44
N VAL B 13 11.57 36.68 -19.13
CA VAL B 13 10.66 37.76 -18.75
C VAL B 13 9.20 37.44 -19.12
N GLY B 14 8.26 37.88 -18.27
CA GLY B 14 6.84 37.70 -18.58
C GLY B 14 5.87 37.80 -17.43
N TYR B 15 4.60 38.03 -17.76
CA TYR B 15 3.56 38.07 -16.76
C TYR B 15 3.21 36.65 -16.32
N LEU B 16 3.11 36.48 -15.00
CA LEU B 16 2.76 35.22 -14.37
C LEU B 16 1.84 35.63 -13.22
N ARG B 17 1.07 34.67 -12.71
CA ARG B 17 0.12 34.97 -11.64
C ARG B 17 0.59 34.53 -10.26
N LYS B 18 0.10 35.24 -9.25
CA LYS B 18 0.42 34.92 -7.87
C LYS B 18 -0.65 33.89 -7.52
N PRO B 19 -0.26 32.69 -7.04
CA PRO B 19 -1.25 31.67 -6.71
C PRO B 19 -2.38 32.08 -5.76
N LYS B 20 -2.07 32.90 -4.75
CA LYS B 20 -3.09 33.31 -3.79
C LYS B 20 -4.08 34.33 -4.37
N SER B 21 -3.66 35.59 -4.44
CA SER B 21 -4.51 36.67 -4.96
C SER B 21 -4.77 36.56 -6.45
N MET B 22 -3.99 35.74 -7.13
CA MET B 22 -4.12 35.54 -8.57
C MET B 22 -4.02 36.83 -9.40
N HIS B 23 -3.12 37.71 -8.97
CA HIS B 23 -2.87 38.96 -9.67
C HIS B 23 -1.72 38.76 -10.62
N LYS B 24 -1.77 39.45 -11.75
CA LYS B 24 -0.70 39.38 -12.74
C LYS B 24 0.45 40.22 -12.21
N ARG B 25 1.63 39.63 -12.19
CA ARG B 25 2.83 40.31 -11.75
C ARG B 25 3.84 40.03 -12.85
N PHE B 26 4.70 41.00 -13.13
CA PHE B 26 5.69 40.82 -14.20
C PHE B 26 7.02 40.31 -13.66
N PHE B 27 7.32 39.04 -13.92
CA PHE B 27 8.55 38.41 -13.45
C PHE B 27 9.74 38.60 -14.37
N VAL B 28 10.93 38.62 -13.75
CA VAL B 28 12.20 38.82 -14.45
C VAL B 28 13.26 37.92 -13.85
N LEU B 29 13.80 37.00 -14.66
CA LEU B 29 14.86 36.12 -14.17
C LEU B 29 16.17 36.73 -14.67
N ARG B 30 17.15 36.82 -13.77
CA ARG B 30 18.45 37.40 -14.14
C ARG B 30 19.57 36.48 -13.75
N ALA B 31 20.54 36.37 -14.65
CA ALA B 31 21.75 35.56 -14.47
C ALA B 31 22.72 36.30 -13.55
N ALA B 32 23.63 35.58 -12.92
CA ALA B 32 24.61 36.21 -12.05
C ALA B 32 25.61 37.04 -12.85
N SER B 33 25.99 38.19 -12.30
CA SER B 33 26.96 39.08 -12.93
C SER B 33 27.79 39.78 -11.85
N GLU B 34 29.00 40.21 -12.21
CA GLU B 34 29.85 40.91 -11.26
C GLU B 34 29.64 42.41 -11.37
N ALA B 35 28.45 42.86 -10.96
CA ALA B 35 28.07 44.28 -10.99
C ALA B 35 26.58 44.40 -10.69
N GLY B 36 25.78 43.66 -11.46
CA GLY B 36 24.35 43.66 -11.29
C GLY B 36 23.92 42.95 -10.03
N GLY B 37 24.51 41.78 -9.79
CA GLY B 37 24.17 41.01 -8.61
C GLY B 37 24.06 39.52 -8.89
N PRO B 38 23.63 38.71 -7.90
CA PRO B 38 23.47 37.26 -8.04
C PRO B 38 22.29 36.82 -8.91
N ALA B 39 22.25 35.52 -9.24
CA ALA B 39 21.16 34.96 -10.04
C ALA B 39 19.96 35.08 -9.13
N ARG B 40 18.88 35.65 -9.66
CA ARG B 40 17.71 35.90 -8.84
C ARG B 40 16.44 36.00 -9.66
N LEU B 41 15.33 35.71 -9.00
CA LEU B 41 14.02 35.79 -9.61
C LEU B 41 13.37 36.99 -8.94
N GLU B 42 12.88 37.91 -9.76
CA GLU B 42 12.25 39.12 -9.26
C GLU B 42 10.92 39.30 -9.96
N TYR B 43 10.07 40.16 -9.41
CA TYR B 43 8.80 40.48 -10.06
C TYR B 43 8.44 41.91 -9.70
N TYR B 44 7.77 42.60 -10.61
CA TYR B 44 7.37 44.00 -10.46
C TYR B 44 5.86 44.10 -10.60
N GLU B 45 5.30 45.26 -10.24
CA GLU B 45 3.86 45.48 -10.34
C GLU B 45 3.37 45.18 -11.77
N ASN B 46 4.11 45.67 -12.74
CA ASN B 46 3.81 45.45 -14.15
C ASN B 46 5.09 45.61 -14.97
N GLU B 47 4.95 45.45 -16.27
CA GLU B 47 6.09 45.53 -17.18
C GLU B 47 6.67 46.93 -17.34
N LYS B 48 5.80 47.94 -17.32
CA LYS B 48 6.19 49.34 -17.49
C LYS B 48 7.21 49.79 -16.44
N LYS B 49 6.95 49.42 -15.18
CA LYS B 49 7.81 49.76 -14.05
C LYS B 49 9.19 49.14 -14.16
N TRP B 50 9.28 48.00 -14.84
CA TRP B 50 10.56 47.32 -15.03
C TRP B 50 11.33 47.97 -16.16
N ARG B 51 10.66 48.09 -17.31
CA ARG B 51 11.24 48.69 -18.50
C ARG B 51 11.81 50.07 -18.21
N HIS B 52 10.97 50.92 -17.63
CA HIS B 52 11.33 52.29 -17.28
C HIS B 52 12.22 52.44 -16.05
N LYS B 53 12.60 51.32 -15.43
CA LYS B 53 13.44 51.36 -14.22
C LYS B 53 12.86 52.32 -13.18
N SER B 54 11.53 52.40 -13.15
CA SER B 54 10.81 53.28 -12.24
C SER B 54 10.39 52.71 -10.88
N SER B 55 10.76 51.47 -10.60
CA SER B 55 10.38 50.83 -9.34
C SER B 55 11.26 49.65 -9.04
N ALA B 56 11.41 49.37 -7.76
CA ALA B 56 12.20 48.24 -7.32
C ALA B 56 11.34 46.98 -7.39
N PRO B 57 11.95 45.82 -7.62
CA PRO B 57 11.10 44.63 -7.67
C PRO B 57 10.40 44.39 -6.33
N LYS B 58 9.11 44.07 -6.41
CA LYS B 58 8.29 43.78 -5.23
C LYS B 58 8.91 42.63 -4.44
N ARG B 59 9.66 41.77 -5.13
CA ARG B 59 10.38 40.64 -4.53
C ARG B 59 11.62 40.35 -5.37
N SER B 60 12.69 39.91 -4.71
CA SER B 60 13.95 39.59 -5.37
C SER B 60 14.53 38.37 -4.64
N ILE B 61 14.26 37.20 -5.19
CA ILE B 61 14.74 35.96 -4.58
C ILE B 61 15.98 35.34 -5.24
N PRO B 62 17.09 35.25 -4.48
CA PRO B 62 18.35 34.67 -4.97
C PRO B 62 18.16 33.17 -5.23
N LEU B 63 18.59 32.67 -6.39
CA LEU B 63 18.44 31.24 -6.70
C LEU B 63 19.31 30.35 -5.82
N GLU B 64 20.45 30.88 -5.39
CA GLU B 64 21.38 30.16 -4.53
C GLU B 64 20.77 29.87 -3.17
N SER B 65 19.69 30.56 -2.81
CA SER B 65 19.05 30.32 -1.53
C SER B 65 17.90 29.30 -1.63
N CYS B 66 17.59 28.88 -2.85
CA CYS B 66 16.53 27.90 -3.12
C CYS B 66 17.12 26.48 -3.07
N PHE B 67 16.78 25.71 -2.03
CA PHE B 67 17.30 24.36 -1.95
C PHE B 67 16.59 23.41 -2.89
N ASN B 68 15.33 23.72 -3.23
CA ASN B 68 14.56 22.88 -4.13
C ASN B 68 13.60 23.65 -5.02
N ILE B 69 13.45 23.19 -6.26
CA ILE B 69 12.52 23.78 -7.22
C ILE B 69 11.69 22.64 -7.81
N ASN B 70 10.36 22.77 -7.77
CA ASN B 70 9.44 21.75 -8.28
C ASN B 70 8.26 22.31 -9.07
N LYS B 71 7.62 21.46 -9.88
CA LYS B 71 6.42 21.82 -10.62
C LYS B 71 5.31 21.28 -9.73
N ARG B 72 4.30 22.09 -9.45
CA ARG B 72 3.24 21.68 -8.56
C ARG B 72 1.88 21.97 -9.14
N ALA B 73 0.83 21.65 -8.39
CA ALA B 73 -0.54 21.89 -8.80
C ALA B 73 -1.49 21.70 -7.62
N ASP B 74 -2.55 22.48 -7.59
CA ASP B 74 -3.57 22.35 -6.56
C ASP B 74 -4.96 22.56 -7.18
N SER B 75 -5.99 22.65 -6.34
CA SER B 75 -7.35 22.81 -6.84
C SER B 75 -7.58 24.14 -7.57
N LYS B 76 -6.77 25.14 -7.24
CA LYS B 76 -6.90 26.45 -7.86
C LYS B 76 -6.00 26.66 -9.08
N ASN B 77 -4.72 26.35 -8.94
CA ASN B 77 -3.76 26.54 -10.02
C ASN B 77 -3.18 25.22 -10.52
N LYS B 78 -3.42 24.92 -11.80
CA LYS B 78 -2.94 23.69 -12.42
C LYS B 78 -1.47 23.62 -12.80
N HIS B 79 -0.81 24.76 -12.97
CA HIS B 79 0.61 24.77 -13.37
C HIS B 79 1.52 25.65 -12.52
N LEU B 80 1.79 25.19 -11.31
CA LEU B 80 2.66 25.93 -10.40
C LEU B 80 4.13 25.60 -10.57
N VAL B 81 4.97 26.55 -10.18
CA VAL B 81 6.43 26.36 -10.20
C VAL B 81 6.82 26.87 -8.83
N ALA B 82 7.20 25.96 -7.95
CA ALA B 82 7.54 26.34 -6.58
C ALA B 82 9.04 26.32 -6.22
N LEU B 83 9.44 27.35 -5.48
CA LEU B 83 10.80 27.50 -5.02
C LEU B 83 10.78 27.29 -3.51
N TYR B 84 11.72 26.53 -3.01
CA TYR B 84 11.79 26.27 -1.58
C TYR B 84 13.13 26.75 -1.08
N THR B 85 13.11 27.81 -0.25
CA THR B 85 14.35 28.31 0.31
C THR B 85 14.30 27.80 1.74
N ARG B 86 15.27 28.19 2.55
CA ARG B 86 15.32 27.79 3.95
C ARG B 86 14.21 28.50 4.73
N ASP B 87 13.72 29.62 4.22
CA ASP B 87 12.74 30.39 4.95
C ASP B 87 11.31 30.50 4.44
N GLU B 88 11.06 30.04 3.22
CA GLU B 88 9.71 30.14 2.67
C GLU B 88 9.47 29.26 1.45
N HIS B 89 8.23 29.32 0.99
CA HIS B 89 7.80 28.59 -0.18
C HIS B 89 7.20 29.64 -1.13
N PHE B 90 7.95 29.97 -2.18
CA PHE B 90 7.48 30.98 -3.13
C PHE B 90 6.99 30.29 -4.37
N ALA B 91 5.73 30.51 -4.73
CA ALA B 91 5.15 29.88 -5.91
C ALA B 91 4.68 30.90 -6.92
N ILE B 92 4.68 30.48 -8.19
CA ILE B 92 4.25 31.30 -9.32
C ILE B 92 3.33 30.44 -10.20
N ALA B 93 2.20 30.99 -10.60
CA ALA B 93 1.23 30.29 -11.42
C ALA B 93 1.31 30.57 -12.91
N ALA B 94 1.80 29.59 -13.67
CA ALA B 94 1.92 29.69 -15.12
C ALA B 94 0.54 29.41 -15.76
N ASP B 95 0.33 29.80 -17.00
CA ASP B 95 -0.98 29.61 -17.62
C ASP B 95 -1.13 28.32 -18.42
N SER B 96 -0.06 27.55 -18.44
CA SER B 96 -0.05 26.30 -19.18
C SER B 96 1.11 25.44 -18.71
N GLU B 97 1.07 24.19 -19.13
CA GLU B 97 2.11 23.23 -18.82
C GLU B 97 3.39 23.67 -19.55
N ALA B 98 3.21 24.18 -20.76
CA ALA B 98 4.30 24.64 -21.60
C ALA B 98 5.03 25.79 -20.92
N GLU B 99 4.27 26.76 -20.44
CA GLU B 99 4.84 27.92 -19.76
C GLU B 99 5.48 27.53 -18.44
N GLN B 100 4.81 26.63 -17.72
CA GLN B 100 5.30 26.13 -16.45
C GLN B 100 6.68 25.53 -16.61
N ASP B 101 6.86 24.73 -17.66
CA ASP B 101 8.13 24.05 -17.95
C ASP B 101 9.23 25.00 -18.40
N SER B 102 8.87 26.02 -19.17
CA SER B 102 9.83 27.01 -19.63
C SER B 102 10.48 27.73 -18.44
N TRP B 103 9.64 28.26 -17.54
CA TRP B 103 10.13 28.92 -16.34
C TRP B 103 10.91 27.95 -15.47
N TYR B 104 10.33 26.78 -15.23
CA TYR B 104 10.99 25.76 -14.43
C TYR B 104 12.38 25.46 -15.04
N GLN B 105 12.44 25.29 -16.35
CA GLN B 105 13.71 24.98 -17.03
C GLN B 105 14.69 26.15 -16.96
N ALA B 106 14.20 27.38 -17.13
CA ALA B 106 15.05 28.58 -17.05
C ALA B 106 15.68 28.65 -15.67
N LEU B 107 14.85 28.49 -14.64
CA LEU B 107 15.32 28.52 -13.26
C LEU B 107 16.47 27.54 -13.00
N LEU B 108 16.33 26.29 -13.45
CA LEU B 108 17.39 25.28 -13.25
C LEU B 108 18.63 25.60 -14.10
N GLN B 109 18.42 26.26 -15.24
CA GLN B 109 19.50 26.63 -16.13
C GLN B 109 20.43 27.61 -15.41
N LEU B 110 19.90 28.34 -14.44
CA LEU B 110 20.68 29.31 -13.70
C LEU B 110 20.93 28.87 -12.26
N HIS B 111 20.16 27.89 -11.80
CA HIS B 111 20.28 27.36 -10.45
C HIS B 111 21.23 26.16 -10.39
N ALA B 156 19.21 17.03 -4.87
CA ALA B 156 18.92 16.75 -3.43
C ALA B 156 17.72 15.82 -3.28
N PHE B 157 16.54 16.40 -3.09
CA PHE B 157 15.32 15.62 -2.90
C PHE B 157 14.48 15.55 -4.18
N LYS B 158 13.80 14.42 -4.39
CA LYS B 158 12.93 14.23 -5.55
C LYS B 158 11.74 15.18 -5.40
N GLU B 159 11.14 15.16 -4.22
CA GLU B 159 9.98 16.01 -3.94
C GLU B 159 10.14 16.75 -2.63
N VAL B 160 9.49 17.90 -2.55
CA VAL B 160 9.50 18.72 -1.34
C VAL B 160 8.12 19.35 -1.19
N TRP B 161 7.53 19.16 -0.03
CA TRP B 161 6.24 19.75 0.27
C TRP B 161 6.33 20.48 1.61
N GLN B 162 5.75 21.67 1.66
CA GLN B 162 5.71 22.45 2.88
C GLN B 162 4.42 22.01 3.57
N VAL B 163 4.51 21.50 4.77
CA VAL B 163 3.34 21.01 5.47
C VAL B 163 3.20 21.61 6.84
N ILE B 164 2.02 21.40 7.41
CA ILE B 164 1.70 21.86 8.75
C ILE B 164 1.51 20.62 9.65
N LEU B 165 2.59 20.22 10.31
CA LEU B 165 2.57 19.08 11.22
C LEU B 165 1.68 19.38 12.41
N LYS B 166 0.58 18.65 12.52
CA LYS B 166 -0.37 18.79 13.61
C LYS B 166 0.14 18.13 14.90
N PRO B 167 -0.42 18.50 16.06
CA PRO B 167 0.00 17.91 17.33
C PRO B 167 -0.56 16.51 17.60
N LYS B 168 -1.27 15.95 16.62
CA LYS B 168 -1.87 14.61 16.70
C LYS B 168 -0.76 13.55 16.68
N GLY B 169 -1.03 12.39 17.28
CA GLY B 169 -0.08 11.30 17.29
C GLY B 169 1.36 11.66 17.60
N LEU B 170 2.27 11.22 16.72
CA LEU B 170 3.69 11.49 16.88
C LEU B 170 4.02 12.98 16.86
N GLY B 171 3.06 13.78 16.42
CA GLY B 171 3.24 15.23 16.41
C GLY B 171 3.50 15.70 17.83
N GLN B 172 2.56 15.38 18.74
CA GLN B 172 2.71 15.77 20.14
C GLN B 172 3.78 14.99 20.89
N THR B 173 3.87 13.68 20.65
CA THR B 173 4.84 12.84 21.34
C THR B 173 6.30 13.15 20.98
N LYS B 174 6.53 13.64 19.77
CA LYS B 174 7.88 13.96 19.34
C LYS B 174 8.08 15.47 19.24
N ASN B 175 7.03 16.21 19.56
CA ASN B 175 7.03 17.67 19.54
C ASN B 175 7.52 18.27 18.22
N LEU B 176 6.88 17.84 17.13
CA LEU B 176 7.17 18.34 15.80
C LEU B 176 5.84 18.91 15.32
N ILE B 177 5.62 20.19 15.62
CA ILE B 177 4.38 20.88 15.23
C ILE B 177 4.66 22.16 14.44
N GLY B 178 3.68 22.58 13.65
CA GLY B 178 3.83 23.80 12.85
C GLY B 178 4.29 23.56 11.43
N ILE B 179 5.11 24.48 10.93
CA ILE B 179 5.62 24.44 9.55
C ILE B 179 6.94 23.65 9.35
N TYR B 180 6.85 22.55 8.62
CA TYR B 180 8.03 21.74 8.32
C TYR B 180 8.01 21.46 6.82
N ARG B 181 9.09 20.89 6.31
CA ARG B 181 9.17 20.53 4.90
C ARG B 181 9.38 19.03 4.75
N LEU B 182 8.44 18.36 4.07
CA LEU B 182 8.55 16.93 3.82
C LEU B 182 9.40 16.73 2.58
N CYS B 183 10.61 16.22 2.78
CA CYS B 183 11.54 16.02 1.67
C CYS B 183 11.74 14.53 1.33
N LEU B 184 11.30 14.18 0.12
CA LEU B 184 11.36 12.79 -0.37
C LEU B 184 12.46 12.43 -1.33
N THR B 185 13.13 11.32 -1.04
CA THR B 185 14.18 10.77 -1.90
C THR B 185 13.66 9.43 -2.42
N SER B 186 14.54 8.64 -3.05
CA SER B 186 14.14 7.33 -3.57
C SER B 186 14.01 6.32 -2.43
N LYS B 187 14.57 6.66 -1.26
CA LYS B 187 14.54 5.75 -0.12
C LYS B 187 14.17 6.31 1.26
N THR B 188 14.04 7.63 1.38
CA THR B 188 13.68 8.24 2.67
C THR B 188 12.76 9.46 2.59
N ILE B 189 12.21 9.83 3.74
CA ILE B 189 11.37 11.00 3.87
C ILE B 189 11.91 11.73 5.09
N SER B 190 12.30 12.98 4.92
CA SER B 190 12.81 13.78 6.02
C SER B 190 11.84 14.88 6.36
N PHE B 191 11.82 15.30 7.62
CA PHE B 191 10.98 16.41 8.07
C PHE B 191 11.96 17.51 8.48
N VAL B 192 12.07 18.53 7.64
CA VAL B 192 12.96 19.66 7.88
C VAL B 192 12.16 20.90 8.29
N LYS B 193 12.38 21.38 9.51
CA LYS B 193 11.66 22.54 10.03
C LYS B 193 11.99 23.80 9.25
N LEU B 194 10.98 24.65 9.08
CA LEU B 194 11.16 25.92 8.38
C LEU B 194 12.28 26.67 9.09
N ASN B 195 13.07 27.42 8.33
CA ASN B 195 14.19 28.19 8.86
C ASN B 195 15.36 27.30 9.28
N SER B 196 15.19 25.99 9.18
CA SER B 196 16.26 25.07 9.56
C SER B 196 16.95 24.47 8.33
N GLU B 197 18.19 24.03 8.53
CA GLU B 197 18.97 23.41 7.46
C GLU B 197 19.18 21.93 7.73
N ALA B 198 19.00 21.53 8.98
CA ALA B 198 19.15 20.14 9.41
C ALA B 198 17.76 19.54 9.71
N ALA B 199 17.66 18.23 9.51
CA ALA B 199 16.42 17.48 9.70
C ALA B 199 16.06 17.15 11.14
N ALA B 200 14.77 17.28 11.45
CA ALA B 200 14.27 16.95 12.77
C ALA B 200 14.33 15.43 12.87
N VAL B 201 13.82 14.77 11.84
CA VAL B 201 13.83 13.32 11.79
C VAL B 201 13.83 12.77 10.36
N VAL B 202 14.49 11.61 10.20
CA VAL B 202 14.59 10.93 8.90
C VAL B 202 13.90 9.58 9.04
N LEU B 203 12.94 9.35 8.15
CA LEU B 203 12.19 8.10 8.11
C LEU B 203 12.62 7.33 6.86
N GLN B 204 12.73 6.01 7.00
CA GLN B 204 13.08 5.16 5.87
C GLN B 204 11.76 4.80 5.20
N LEU B 205 11.73 4.78 3.86
CA LEU B 205 10.51 4.40 3.16
C LEU B 205 10.09 2.98 3.59
N MET B 206 11.07 2.15 3.93
CA MET B 206 10.85 0.78 4.38
C MET B 206 10.02 0.69 5.65
N ASN B 207 10.08 1.72 6.47
CA ASN B 207 9.36 1.69 7.73
C ASN B 207 7.97 2.30 7.76
N ILE B 208 7.44 2.70 6.61
CA ILE B 208 6.11 3.29 6.59
C ILE B 208 5.06 2.22 6.32
N ARG B 209 4.30 1.87 7.36
CA ARG B 209 3.25 0.86 7.22
C ARG B 209 2.18 1.31 6.24
N ARG B 210 1.81 2.58 6.29
CA ARG B 210 0.81 3.14 5.38
C ARG B 210 0.76 4.66 5.43
N CYS B 211 0.15 5.25 4.42
CA CYS B 211 0.00 6.69 4.32
C CYS B 211 -1.38 6.95 3.72
N GLY B 212 -1.93 8.12 4.01
CA GLY B 212 -3.24 8.42 3.47
C GLY B 212 -3.61 9.89 3.56
N HIS B 213 -4.80 10.20 3.10
CA HIS B 213 -5.27 11.57 3.13
C HIS B 213 -6.76 11.61 3.34
N SER B 214 -7.21 12.70 3.97
CA SER B 214 -8.62 12.93 4.22
C SER B 214 -8.80 14.44 4.10
N GLU B 215 -9.53 14.88 3.09
CA GLU B 215 -9.76 16.31 2.85
C GLU B 215 -8.40 16.93 2.51
N ASN B 216 -8.00 17.97 3.24
CA ASN B 216 -6.72 18.61 3.01
C ASN B 216 -5.70 18.19 4.06
N PHE B 217 -5.81 16.93 4.50
CA PHE B 217 -4.89 16.36 5.48
C PHE B 217 -4.19 15.15 4.87
N PHE B 218 -2.98 14.88 5.35
CA PHE B 218 -2.20 13.74 4.88
C PHE B 218 -1.47 13.14 6.06
N PHE B 219 -1.52 11.82 6.19
CA PHE B 219 -0.85 11.15 7.29
C PHE B 219 0.12 10.06 6.85
N ILE B 220 1.05 9.73 7.74
CA ILE B 220 2.04 8.70 7.51
C ILE B 220 2.14 7.86 8.78
N GLU B 221 1.77 6.60 8.69
CA GLU B 221 1.87 5.68 9.82
C GLU B 221 3.19 4.92 9.62
N VAL B 222 4.02 4.91 10.63
CA VAL B 222 5.30 4.22 10.54
C VAL B 222 5.26 3.01 11.47
N GLY B 223 5.96 1.95 11.07
CA GLY B 223 6.00 0.73 11.85
C GLY B 223 6.90 0.82 13.06
N ARG B 224 6.94 -0.26 13.83
CA ARG B 224 7.75 -0.34 15.04
C ARG B 224 9.25 -0.22 14.75
N SER B 225 9.66 -0.63 13.56
CA SER B 225 11.06 -0.56 13.13
C SER B 225 11.53 0.84 12.74
N ALA B 226 10.66 1.83 12.88
CA ALA B 226 11.01 3.22 12.55
C ALA B 226 11.82 3.85 13.68
N VAL B 227 12.62 4.86 13.33
CA VAL B 227 13.45 5.58 14.30
C VAL B 227 12.60 6.27 15.37
N THR B 228 11.38 6.64 15.03
CA THR B 228 10.48 7.28 15.98
C THR B 228 9.62 6.28 16.77
N GLY B 229 9.73 4.99 16.45
CA GLY B 229 8.88 4.00 17.10
C GLY B 229 7.56 4.04 16.34
N PRO B 230 6.58 3.18 16.64
CA PRO B 230 5.31 3.22 15.90
C PRO B 230 4.48 4.49 16.15
N GLY B 231 3.75 4.91 15.14
CA GLY B 231 2.92 6.08 15.29
C GLY B 231 2.55 6.76 13.98
N GLU B 232 1.64 7.71 14.06
CA GLU B 232 1.21 8.44 12.88
C GLU B 232 1.76 9.86 12.87
N PHE B 233 1.87 10.41 11.66
CA PHE B 233 2.31 11.78 11.46
C PHE B 233 1.20 12.43 10.66
N TRP B 234 0.52 13.41 11.26
CA TRP B 234 -0.54 14.10 10.55
C TRP B 234 -0.09 15.49 10.15
N MET B 235 -0.52 15.93 8.99
CA MET B 235 -0.13 17.23 8.50
C MET B 235 -1.13 17.77 7.52
N GLN B 236 -1.38 19.07 7.62
CA GLN B 236 -2.32 19.75 6.76
C GLN B 236 -1.62 20.36 5.55
N VAL B 237 -2.36 20.54 4.46
CA VAL B 237 -1.80 21.15 3.26
C VAL B 237 -2.87 22.02 2.62
N ASP B 238 -2.51 22.71 1.54
CA ASP B 238 -3.42 23.63 0.87
C ASP B 238 -4.84 23.14 0.64
N ASP B 239 -4.98 21.99 0.00
CA ASP B 239 -6.29 21.44 -0.27
C ASP B 239 -6.22 19.93 -0.52
N SER B 240 -7.39 19.33 -0.74
CA SER B 240 -7.49 17.88 -0.99
C SER B 240 -6.73 17.45 -2.24
N VAL B 241 -6.56 18.37 -3.18
CA VAL B 241 -5.82 18.05 -4.39
C VAL B 241 -4.36 17.78 -4.03
N VAL B 242 -3.70 18.71 -3.35
CA VAL B 242 -2.30 18.49 -2.99
C VAL B 242 -2.13 17.33 -1.99
N ALA B 243 -3.11 17.14 -1.12
CA ALA B 243 -3.06 16.05 -0.14
C ALA B 243 -3.09 14.71 -0.88
N GLN B 244 -3.87 14.66 -1.97
CA GLN B 244 -4.00 13.45 -2.76
C GLN B 244 -2.74 13.12 -3.55
N ASN B 245 -2.06 14.14 -4.08
CA ASN B 245 -0.84 13.96 -4.86
C ASN B 245 0.27 13.53 -3.92
N MET B 246 0.26 14.10 -2.72
CA MET B 246 1.26 13.75 -1.72
C MET B 246 1.17 12.26 -1.46
N HIS B 247 -0.06 11.78 -1.30
CA HIS B 247 -0.35 10.38 -1.07
C HIS B 247 0.13 9.48 -2.23
N GLU B 248 -0.34 9.78 -3.44
CA GLU B 248 0.01 9.03 -4.64
C GLU B 248 1.49 8.97 -4.95
N THR B 249 2.19 10.10 -4.80
CA THR B 249 3.63 10.16 -5.06
C THR B 249 4.42 9.33 -4.05
N ILE B 250 4.10 9.48 -2.77
CA ILE B 250 4.82 8.76 -1.73
C ILE B 250 4.52 7.27 -1.79
N LEU B 251 3.24 6.93 -2.04
CA LEU B 251 2.84 5.54 -2.12
C LEU B 251 3.61 4.90 -3.25
N GLU B 252 3.65 5.60 -4.39
CA GLU B 252 4.37 5.12 -5.58
C GLU B 252 5.84 4.94 -5.29
N ALA B 253 6.39 5.78 -4.43
CA ALA B 253 7.79 5.68 -4.06
C ALA B 253 7.97 4.47 -3.18
N MET B 254 6.92 4.12 -2.43
CA MET B 254 6.94 2.97 -1.54
C MET B 254 6.90 1.69 -2.36
N ARG B 255 6.00 1.68 -3.34
CA ARG B 255 5.84 0.54 -4.21
C ARG B 255 7.05 0.34 -5.13
N ALA B 256 7.65 1.44 -5.56
CA ALA B 256 8.81 1.40 -6.44
C ALA B 256 10.02 0.69 -5.83
N MET B 257 9.97 0.45 -4.53
CA MET B 257 11.05 -0.21 -3.82
C MET B 257 11.22 -1.67 -4.27
N SER B 258 10.10 -2.28 -4.65
CA SER B 258 10.12 -3.68 -5.10
C SER B 258 10.67 -3.79 -6.51
N ASP B 259 10.98 -2.64 -7.11
CA ASP B 259 11.55 -2.59 -8.44
C ASP B 259 13.07 -2.48 -8.42
N GLU B 260 13.64 -2.32 -7.23
CA GLU B 260 15.09 -2.22 -7.11
C GLU B 260 15.67 -3.63 -6.92
N PHE B 261 16.71 -3.96 -7.68
CA PHE B 261 17.33 -5.26 -7.56
C PHE B 261 18.26 -5.27 -6.34
#